data_4C1T
#
_entry.id   4C1T
#
_cell.length_a   67.370
_cell.length_b   96.050
_cell.length_c   56.650
_cell.angle_alpha   90.00
_cell.angle_beta   90.00
_cell.angle_gamma   90.00
#
_symmetry.space_group_name_H-M   'P 21 21 2'
#
loop_
_entity.id
_entity.type
_entity.pdbx_description
1 polymer 'SUGAR TRANSPORTER SOLUTE-BINDING PROTEIN'
2 branched alpha-L-arabinofuranose-(1-2)-beta-D-xylopyranose-(1-4)-beta-D-xylopyranose-(1-4)-beta-D-xylopyranose
3 non-polymer 'PENTAETHYLENE GLYCOL'
4 water water
#
_entity_poly.entity_id   1
_entity_poly.type   'polypeptide(L)'
_entity_poly.pdbx_seq_one_letter_code
;GSHMASMSACGGSESSSDDKTITFWHNASAGEGRQYWENLAKSFEEANPGTKVEIQAIQNEDFAGKLQTAMQDPASGPDV
FMSLGGAKTKEMIDAGQVMDLTDKISDTVKTDMKTTLSAATFDGKVYGVPVSVEPGGMWYSKDLFKKAGVSDVPATYEEL
LADAKKLKDSGTDAIALGAKDAWPAAHWYYWLVLRECSPEVYDKSVQDHDFSNACWVNAGKKLQELKDLKVFNDGFLTTT
AQQGANSSAGLLANHKAAMELMGAWEPGVLKDLTPDQKPMADLGFFAFPEVAGGEGEPGALMGGVTYFCVNPKASQTSID
FVNYMGEKKNQEDYAKAFSTIPASEPARAVVTDESLKQVIEYLDKAPSMQLWMDTALGTNIGNALNAAVVNMLSGQGSPE
DIVKAMQDAAQKG
;
_entity_poly.pdbx_strand_id   A
#
# COMPACT_ATOMS: atom_id res chain seq x y z
N ASP A 18 -9.35 26.73 -19.40
CA ASP A 18 -8.82 25.99 -20.53
C ASP A 18 -9.03 24.49 -20.34
N ASP A 19 -9.76 23.88 -21.28
CA ASP A 19 -10.04 22.45 -21.25
C ASP A 19 -8.76 21.62 -21.23
N LYS A 20 -7.92 21.82 -22.25
CA LYS A 20 -6.74 20.99 -22.46
C LYS A 20 -5.66 21.17 -21.40
N THR A 21 -5.91 22.08 -20.45
CA THR A 21 -5.06 22.20 -19.27
C THR A 21 -5.69 21.38 -18.15
N ILE A 22 -4.96 20.40 -17.64
CA ILE A 22 -5.48 19.57 -16.56
C ILE A 22 -4.59 19.62 -15.32
N THR A 23 -5.21 19.44 -14.16
CA THR A 23 -4.48 19.45 -12.89
C THR A 23 -4.28 18.01 -12.41
N PHE A 24 -3.02 17.63 -12.22
CA PHE A 24 -2.66 16.24 -11.93
C PHE A 24 -2.06 16.06 -10.55
N TRP A 25 -2.73 15.27 -9.71
CA TRP A 25 -2.27 15.02 -8.34
C TRP A 25 -1.77 13.59 -8.17
N HIS A 26 -0.55 13.44 -7.67
CA HIS A 26 0.00 12.12 -7.36
C HIS A 26 0.79 12.16 -6.04
N ASN A 27 1.25 10.99 -5.59
CA ASN A 27 1.95 10.90 -4.31
C ASN A 27 3.42 10.53 -4.40
N ALA A 28 3.97 10.56 -5.61
CA ALA A 28 5.36 10.18 -5.84
C ALA A 28 6.32 11.26 -5.35
N SER A 29 6.84 11.08 -4.13
CA SER A 29 7.78 12.02 -3.55
C SER A 29 9.23 11.56 -3.70
N ALA A 30 9.41 10.30 -4.07
CA ALA A 30 10.74 9.78 -4.37
C ALA A 30 11.21 10.36 -5.70
N GLY A 31 12.51 10.67 -5.79
CA GLY A 31 13.06 11.35 -6.94
C GLY A 31 12.79 10.72 -8.30
N GLU A 32 13.00 9.41 -8.40
CA GLU A 32 12.86 8.70 -9.67
C GLU A 32 11.41 8.62 -10.14
N GLY A 33 10.50 8.42 -9.20
CA GLY A 33 9.08 8.32 -9.53
C GLY A 33 8.48 9.69 -9.80
N ARG A 34 8.98 10.69 -9.08
CA ARG A 34 8.57 12.08 -9.27
C ARG A 34 8.92 12.52 -10.69
N GLN A 35 10.06 12.06 -11.17
CA GLN A 35 10.53 12.43 -12.49
C GLN A 35 9.80 11.66 -13.60
N TYR A 36 9.36 10.44 -13.29
CA TYR A 36 8.57 9.67 -14.25
C TYR A 36 7.31 10.43 -14.67
N TRP A 37 6.64 11.04 -13.70
CA TRP A 37 5.43 11.79 -13.98
C TRP A 37 5.71 13.04 -14.79
N GLU A 38 6.84 13.69 -14.52
CA GLU A 38 7.26 14.86 -15.29
C GLU A 38 7.48 14.46 -16.74
N ASN A 39 8.21 13.37 -16.95
CA ASN A 39 8.51 12.87 -18.28
C ASN A 39 7.27 12.33 -18.99
N LEU A 40 6.34 11.76 -18.23
CA LEU A 40 5.10 11.28 -18.82
C LEU A 40 4.24 12.44 -19.31
N ALA A 41 4.14 13.47 -18.47
CA ALA A 41 3.35 14.65 -18.79
C ALA A 41 3.85 15.31 -20.08
N LYS A 42 5.16 15.51 -20.18
CA LYS A 42 5.73 16.15 -21.36
C LYS A 42 5.62 15.25 -22.60
N SER A 43 5.63 13.94 -22.38
CA SER A 43 5.47 12.99 -23.48
C SER A 43 4.05 13.07 -24.02
N PHE A 44 3.09 13.18 -23.10
CA PHE A 44 1.69 13.37 -23.45
C PHE A 44 1.48 14.73 -24.09
N GLU A 45 2.24 15.73 -23.63
CA GLU A 45 2.12 17.10 -24.13
C GLU A 45 2.70 17.25 -25.54
N GLU A 46 3.67 16.40 -25.88
CA GLU A 46 4.28 16.48 -27.21
C GLU A 46 3.51 15.66 -28.23
N ALA A 47 2.81 14.63 -27.77
CA ALA A 47 1.98 13.81 -28.64
C ALA A 47 0.61 14.44 -28.83
N ASN A 48 0.18 15.22 -27.85
CA ASN A 48 -1.09 15.94 -27.93
C ASN A 48 -0.87 17.44 -27.78
N PRO A 49 -0.38 18.10 -28.85
CA PRO A 49 -0.06 19.53 -28.83
C PRO A 49 -1.24 20.38 -28.41
N GLY A 50 -1.00 21.29 -27.46
CA GLY A 50 -2.07 22.15 -26.95
C GLY A 50 -2.45 21.75 -25.54
N THR A 51 -2.24 20.47 -25.21
CA THR A 51 -2.53 19.99 -23.88
C THR A 51 -1.42 20.41 -22.91
N LYS A 52 -1.81 20.64 -21.66
CA LYS A 52 -0.86 21.03 -20.63
C LYS A 52 -1.20 20.35 -19.31
N VAL A 53 -0.26 19.56 -18.80
CA VAL A 53 -0.47 18.86 -17.54
C VAL A 53 0.29 19.55 -16.41
N GLU A 54 -0.47 20.18 -15.51
CA GLU A 54 0.14 20.82 -14.35
C GLU A 54 0.16 19.86 -13.17
N ILE A 55 1.38 19.50 -12.76
CA ILE A 55 1.59 18.42 -11.80
C ILE A 55 1.71 18.93 -10.37
N GLN A 56 1.01 18.26 -9.44
CA GLN A 56 1.19 18.49 -8.03
C GLN A 56 1.64 17.21 -7.33
N ALA A 57 2.89 17.19 -6.87
CA ALA A 57 3.40 16.07 -6.08
C ALA A 57 3.02 16.31 -4.63
N ILE A 58 2.47 15.28 -3.98
CA ILE A 58 1.96 15.42 -2.63
C ILE A 58 2.45 14.26 -1.77
N GLN A 59 3.00 14.56 -0.61
CA GLN A 59 3.45 13.53 0.31
C GLN A 59 2.27 12.64 0.69
N ASN A 60 2.49 11.34 0.68
CA ASN A 60 1.41 10.36 0.82
C ASN A 60 0.54 10.55 2.05
N GLU A 61 1.14 10.94 3.17
CA GLU A 61 0.42 11.08 4.43
C GLU A 61 -0.50 12.30 4.45
N ASP A 62 -0.33 13.18 3.46
CA ASP A 62 -1.19 14.35 3.34
C ASP A 62 -2.23 14.17 2.24
N PHE A 63 -2.05 13.14 1.41
CA PHE A 63 -2.83 12.99 0.19
C PHE A 63 -4.33 12.86 0.42
N ALA A 64 -4.73 11.97 1.31
CA ALA A 64 -6.15 11.77 1.62
C ALA A 64 -6.78 13.04 2.15
N GLY A 65 -6.03 13.78 2.97
CA GLY A 65 -6.52 15.01 3.57
C GLY A 65 -6.82 16.10 2.55
N LYS A 66 -5.87 16.36 1.67
CA LYS A 66 -6.02 17.41 0.66
C LYS A 66 -6.99 17.02 -0.45
N LEU A 67 -7.02 15.75 -0.83
CA LEU A 67 -7.94 15.28 -1.85
C LEU A 67 -9.39 15.40 -1.41
N GLN A 68 -9.68 14.90 -0.22
CA GLN A 68 -11.03 14.97 0.34
C GLN A 68 -11.44 16.41 0.58
N THR A 69 -10.48 17.26 0.93
CA THR A 69 -10.75 18.67 1.17
C THR A 69 -11.03 19.41 -0.14
N ALA A 70 -10.24 19.10 -1.17
CA ALA A 70 -10.38 19.77 -2.47
C ALA A 70 -11.62 19.32 -3.24
N MET A 71 -12.01 18.06 -3.07
CA MET A 71 -13.09 17.48 -3.86
C MET A 71 -14.50 17.73 -3.32
N GLN A 72 -14.60 18.43 -2.19
CA GLN A 72 -15.91 18.84 -1.69
C GLN A 72 -16.44 20.02 -2.50
N ASP A 73 -15.55 20.64 -3.28
CA ASP A 73 -15.96 21.49 -4.39
C ASP A 73 -15.16 21.09 -5.62
N PRO A 74 -15.69 20.10 -6.38
CA PRO A 74 -15.05 19.52 -7.57
C PRO A 74 -14.67 20.57 -8.62
N ALA A 75 -15.37 21.70 -8.63
CA ALA A 75 -15.13 22.75 -9.62
C ALA A 75 -13.70 23.29 -9.55
N SER A 76 -13.12 23.27 -8.36
CA SER A 76 -11.77 23.79 -8.16
C SER A 76 -10.82 22.71 -7.65
N GLY A 77 -11.19 21.45 -7.86
CA GLY A 77 -10.35 20.33 -7.46
C GLY A 77 -9.50 19.84 -8.62
N PRO A 78 -8.63 18.86 -8.34
CA PRO A 78 -7.75 18.29 -9.37
C PRO A 78 -8.56 17.56 -10.45
N ASP A 79 -8.05 17.56 -11.67
CA ASP A 79 -8.70 16.85 -12.76
C ASP A 79 -8.42 15.36 -12.67
N VAL A 80 -7.16 15.03 -12.44
CA VAL A 80 -6.72 13.64 -12.32
C VAL A 80 -5.97 13.45 -11.00
N PHE A 81 -6.35 12.43 -10.25
CA PHE A 81 -5.75 12.22 -8.94
C PHE A 81 -5.66 10.74 -8.56
N MET A 82 -4.67 10.40 -7.76
CA MET A 82 -4.52 9.06 -7.25
C MET A 82 -5.70 8.72 -6.35
N SER A 83 -6.28 7.54 -6.54
CA SER A 83 -7.42 7.11 -5.74
C SER A 83 -7.00 6.75 -4.33
N LEU A 84 -7.95 6.80 -3.41
CA LEU A 84 -7.68 6.46 -2.03
C LEU A 84 -7.85 4.96 -1.79
N GLY A 85 -8.59 4.31 -2.67
CA GLY A 85 -8.72 2.86 -2.63
C GLY A 85 -9.90 2.34 -1.83
N GLY A 86 -10.42 1.19 -2.26
CA GLY A 86 -11.47 0.49 -1.53
C GLY A 86 -12.69 1.31 -1.17
N ALA A 87 -13.08 1.25 0.10
CA ALA A 87 -14.22 1.98 0.60
C ALA A 87 -13.99 3.49 0.53
N LYS A 88 -12.72 3.89 0.62
CA LYS A 88 -12.36 5.30 0.52
C LYS A 88 -12.64 5.85 -0.88
N THR A 89 -12.48 5.00 -1.89
CA THR A 89 -12.89 5.36 -3.24
C THR A 89 -14.41 5.42 -3.32
N LYS A 90 -15.06 4.43 -2.71
CA LYS A 90 -16.51 4.33 -2.72
C LYS A 90 -17.17 5.52 -2.01
N GLU A 91 -16.49 6.03 -0.99
CA GLU A 91 -16.97 7.22 -0.29
C GLU A 91 -17.04 8.41 -1.23
N MET A 92 -16.02 8.54 -2.08
CA MET A 92 -15.95 9.64 -3.04
C MET A 92 -16.91 9.41 -4.20
N ILE A 93 -17.08 8.15 -4.59
CA ILE A 93 -18.02 7.79 -5.65
C ILE A 93 -19.45 8.12 -5.23
N ASP A 94 -19.80 7.75 -4.01
CA ASP A 94 -21.14 8.02 -3.48
C ASP A 94 -21.39 9.51 -3.35
N ALA A 95 -20.32 10.28 -3.12
CA ALA A 95 -20.43 11.71 -2.93
C ALA A 95 -20.44 12.47 -4.26
N GLY A 96 -20.28 11.72 -5.35
CA GLY A 96 -20.26 12.30 -6.69
C GLY A 96 -18.97 13.04 -6.98
N GLN A 97 -17.84 12.44 -6.60
CA GLN A 97 -16.54 13.07 -6.75
C GLN A 97 -15.62 12.29 -7.68
N VAL A 98 -16.11 11.18 -8.21
CA VAL A 98 -15.32 10.34 -9.11
C VAL A 98 -16.12 9.99 -10.37
N MET A 99 -15.48 10.15 -11.53
CA MET A 99 -16.16 9.90 -12.81
C MET A 99 -16.18 8.43 -13.20
N ASP A 100 -17.32 7.97 -13.69
CA ASP A 100 -17.46 6.63 -14.24
C ASP A 100 -16.66 6.54 -15.54
N LEU A 101 -15.69 5.65 -15.59
CA LEU A 101 -14.82 5.52 -16.75
C LEU A 101 -15.06 4.22 -17.50
N THR A 102 -16.16 3.54 -17.16
CA THR A 102 -16.48 2.23 -17.72
C THR A 102 -16.48 2.21 -19.24
N ASP A 103 -17.13 3.21 -19.84
CA ASP A 103 -17.20 3.30 -21.30
C ASP A 103 -16.13 4.21 -21.86
N LYS A 104 -15.14 4.54 -21.03
CA LYS A 104 -14.14 5.52 -21.43
C LYS A 104 -12.71 4.97 -21.47
N ILE A 105 -12.45 3.91 -20.72
CA ILE A 105 -11.11 3.31 -20.70
C ILE A 105 -10.81 2.63 -22.03
N SER A 106 -9.52 2.51 -22.35
CA SER A 106 -9.11 2.01 -23.65
C SER A 106 -9.18 0.48 -23.74
N ASP A 107 -9.13 -0.03 -24.97
CA ASP A 107 -9.09 -1.47 -25.20
C ASP A 107 -7.80 -2.04 -24.64
N THR A 108 -6.74 -1.24 -24.66
CA THR A 108 -5.46 -1.63 -24.10
C THR A 108 -5.59 -1.83 -22.58
N VAL A 109 -6.20 -0.85 -21.92
CA VAL A 109 -6.41 -0.91 -20.47
C VAL A 109 -7.31 -2.09 -20.09
N LYS A 110 -8.38 -2.29 -20.85
CA LYS A 110 -9.28 -3.41 -20.60
C LYS A 110 -8.58 -4.75 -20.76
N THR A 111 -7.77 -4.87 -21.80
CA THR A 111 -7.12 -6.14 -22.12
C THR A 111 -5.93 -6.45 -21.21
N ASP A 112 -5.03 -5.50 -21.07
CA ASP A 112 -3.77 -5.74 -20.37
C ASP A 112 -3.89 -5.73 -18.85
N MET A 113 -4.98 -5.13 -18.34
CA MET A 113 -5.07 -4.82 -16.92
C MET A 113 -6.36 -5.35 -16.30
N LYS A 114 -6.85 -6.45 -16.86
CA LYS A 114 -8.10 -7.09 -16.44
C LYS A 114 -8.20 -7.39 -14.94
N THR A 115 -7.15 -7.98 -14.37
CA THR A 115 -7.20 -8.42 -12.98
C THR A 115 -7.09 -7.28 -11.97
N THR A 116 -6.32 -6.25 -12.32
CA THR A 116 -6.18 -5.10 -11.43
C THR A 116 -7.37 -4.16 -11.54
N LEU A 117 -8.08 -4.24 -12.67
CA LEU A 117 -9.26 -3.41 -12.91
C LEU A 117 -10.40 -3.71 -11.94
N SER A 118 -10.39 -4.90 -11.35
CA SER A 118 -11.44 -5.29 -10.42
C SER A 118 -11.35 -4.50 -9.11
N ALA A 119 -10.16 -3.97 -8.82
CA ALA A 119 -9.96 -3.19 -7.61
C ALA A 119 -10.53 -1.78 -7.77
N ALA A 120 -10.68 -1.36 -9.02
CA ALA A 120 -11.25 -0.04 -9.32
C ALA A 120 -12.68 -0.18 -9.82
N THR A 121 -13.21 -1.39 -9.75
CA THR A 121 -14.57 -1.66 -10.21
C THR A 121 -15.55 -1.62 -9.05
N PHE A 122 -16.58 -0.79 -9.18
CA PHE A 122 -17.61 -0.68 -8.16
C PHE A 122 -18.99 -0.75 -8.78
N ASP A 123 -19.83 -1.65 -8.26
CA ASP A 123 -21.17 -1.88 -8.79
C ASP A 123 -21.13 -2.18 -10.29
N GLY A 124 -20.10 -2.91 -10.71
CA GLY A 124 -19.93 -3.25 -12.11
C GLY A 124 -19.54 -2.06 -12.95
N LYS A 125 -18.91 -1.07 -12.33
CA LYS A 125 -18.48 0.14 -13.04
C LYS A 125 -17.04 0.50 -12.69
N VAL A 126 -16.25 0.76 -13.73
CA VAL A 126 -14.82 1.06 -13.56
C VAL A 126 -14.59 2.55 -13.30
N TYR A 127 -13.86 2.85 -12.22
CA TYR A 127 -13.67 4.23 -11.79
C TYR A 127 -12.22 4.69 -11.78
N GLY A 128 -11.36 4.01 -12.53
CA GLY A 128 -9.96 4.40 -12.58
C GLY A 128 -9.06 3.51 -13.42
N VAL A 129 -7.91 4.05 -13.78
CA VAL A 129 -6.90 3.30 -14.53
C VAL A 129 -5.74 2.94 -13.62
N PRO A 130 -5.62 1.65 -13.27
CA PRO A 130 -4.50 1.23 -12.43
C PRO A 130 -3.13 1.44 -13.06
N VAL A 131 -2.09 1.44 -12.24
CA VAL A 131 -0.72 1.61 -12.72
C VAL A 131 0.24 0.64 -12.05
N SER A 132 -0.16 0.14 -10.89
CA SER A 132 0.66 -0.82 -10.15
C SER A 132 -0.18 -1.67 -9.21
N VAL A 133 0.26 -2.90 -8.99
CA VAL A 133 -0.34 -3.77 -7.98
C VAL A 133 0.74 -4.12 -6.95
N GLU A 134 0.46 -3.84 -5.68
CA GLU A 134 1.47 -3.95 -4.65
C GLU A 134 1.01 -4.73 -3.42
N PRO A 135 1.19 -6.06 -3.46
CA PRO A 135 0.85 -6.94 -2.34
C PRO A 135 1.77 -6.68 -1.14
N GLY A 136 1.26 -6.93 0.05
CA GLY A 136 2.05 -6.74 1.26
C GLY A 136 2.86 -7.97 1.61
N GLY A 137 3.87 -7.79 2.46
CA GLY A 137 4.73 -8.87 2.86
C GLY A 137 5.93 -8.34 3.61
N MET A 138 6.83 -9.23 4.00
CA MET A 138 8.01 -8.81 4.75
C MET A 138 9.19 -8.57 3.83
N TRP A 139 9.74 -7.36 3.91
CA TRP A 139 10.95 -7.01 3.18
C TRP A 139 12.10 -6.96 4.16
N TYR A 140 13.23 -7.55 3.79
CA TYR A 140 14.32 -7.73 4.75
C TYR A 140 15.70 -7.68 4.12
N SER A 141 16.69 -7.42 4.98
CA SER A 141 18.09 -7.49 4.59
C SER A 141 18.59 -8.92 4.73
N LYS A 142 18.99 -9.52 3.62
CA LYS A 142 19.51 -10.88 3.64
C LYS A 142 20.80 -10.97 4.45
N ASP A 143 21.60 -9.90 4.40
CA ASP A 143 22.87 -9.88 5.12
C ASP A 143 22.70 -9.75 6.63
N LEU A 144 21.75 -8.94 7.07
CA LEU A 144 21.48 -8.80 8.51
C LEU A 144 20.91 -10.10 9.07
N PHE A 145 20.11 -10.78 8.25
CA PHE A 145 19.57 -12.08 8.62
C PHE A 145 20.68 -13.09 8.85
N LYS A 146 21.56 -13.23 7.86
CA LYS A 146 22.68 -14.16 7.96
C LYS A 146 23.64 -13.78 9.09
N LYS A 147 23.76 -12.49 9.35
CA LYS A 147 24.58 -12.00 10.45
C LYS A 147 23.95 -12.30 11.81
N ALA A 148 22.77 -12.91 11.80
CA ALA A 148 22.09 -13.27 13.04
C ALA A 148 21.80 -14.77 13.10
N GLY A 149 22.29 -15.50 12.11
CA GLY A 149 22.14 -16.94 12.07
C GLY A 149 20.82 -17.41 11.49
N VAL A 150 20.12 -16.51 10.80
CA VAL A 150 18.86 -16.87 10.16
C VAL A 150 19.09 -17.17 8.68
N SER A 151 19.26 -18.46 8.38
CA SER A 151 19.53 -18.87 7.01
C SER A 151 18.25 -19.26 6.27
N ASP A 152 17.13 -19.21 6.99
CA ASP A 152 15.84 -19.55 6.39
C ASP A 152 14.70 -18.68 6.89
N VAL A 153 13.92 -18.15 5.96
CA VAL A 153 12.78 -17.29 6.26
C VAL A 153 11.77 -17.99 7.15
N PRO A 154 11.21 -17.27 8.13
CA PRO A 154 10.21 -17.82 9.06
C PRO A 154 8.89 -18.15 8.35
N ALA A 155 8.44 -19.39 8.48
CA ALA A 155 7.18 -19.81 7.89
C ALA A 155 6.00 -19.50 8.80
N THR A 156 6.25 -19.50 10.10
CA THR A 156 5.20 -19.24 11.08
C THR A 156 5.49 -17.99 11.92
N TYR A 157 4.49 -17.55 12.68
CA TYR A 157 4.59 -16.33 13.47
C TYR A 157 5.59 -16.49 14.62
N GLU A 158 5.63 -17.68 15.20
CA GLU A 158 6.56 -17.95 16.30
C GLU A 158 8.00 -17.96 15.80
N GLU A 159 8.23 -18.51 14.61
CA GLU A 159 9.55 -18.47 13.99
C GLU A 159 10.01 -17.03 13.81
N LEU A 160 9.09 -16.19 13.36
CA LEU A 160 9.37 -14.78 13.11
C LEU A 160 9.75 -14.08 14.42
N LEU A 161 9.05 -14.41 15.50
CA LEU A 161 9.36 -13.87 16.81
C LEU A 161 10.71 -14.38 17.27
N ALA A 162 10.98 -15.65 17.01
CA ALA A 162 12.26 -16.25 17.38
C ALA A 162 13.41 -15.62 16.61
N ASP A 163 13.18 -15.36 15.32
CA ASP A 163 14.20 -14.73 14.49
C ASP A 163 14.47 -13.30 14.92
N ALA A 164 13.43 -12.62 15.38
CA ALA A 164 13.57 -11.25 15.87
C ALA A 164 14.39 -11.23 17.15
N LYS A 165 14.23 -12.26 17.95
CA LYS A 165 15.03 -12.42 19.17
C LYS A 165 16.51 -12.54 18.81
N LYS A 166 16.79 -13.35 17.80
CA LYS A 166 18.17 -13.62 17.37
C LYS A 166 18.80 -12.36 16.78
N LEU A 167 18.00 -11.58 16.07
CA LEU A 167 18.47 -10.31 15.51
C LEU A 167 18.79 -9.32 16.61
N LYS A 168 17.94 -9.29 17.64
CA LYS A 168 18.14 -8.39 18.78
C LYS A 168 19.42 -8.75 19.53
N ASP A 169 19.67 -10.05 19.68
CA ASP A 169 20.91 -10.52 20.30
C ASP A 169 22.11 -10.21 19.40
N SER A 170 21.86 -10.16 18.09
CA SER A 170 22.91 -9.85 17.13
C SER A 170 23.27 -8.37 17.11
N GLY A 171 22.62 -7.60 17.99
CA GLY A 171 22.94 -6.19 18.15
C GLY A 171 22.05 -5.26 17.35
N THR A 172 21.38 -5.80 16.34
CA THR A 172 20.56 -4.97 15.45
C THR A 172 19.09 -4.95 15.83
N ASP A 173 18.42 -3.84 15.49
CA ASP A 173 16.98 -3.73 15.65
C ASP A 173 16.33 -4.64 14.63
N ALA A 174 15.45 -5.52 15.11
CA ALA A 174 14.87 -6.55 14.26
C ALA A 174 13.85 -6.01 13.26
N ILE A 175 12.98 -5.12 13.73
CA ILE A 175 11.87 -4.65 12.90
C ILE A 175 11.76 -3.13 12.89
N ALA A 176 11.90 -2.54 11.70
CA ALA A 176 11.65 -1.12 11.52
C ALA A 176 10.14 -0.88 11.44
N LEU A 177 9.67 0.14 12.15
CA LEU A 177 8.23 0.41 12.20
C LEU A 177 7.93 1.90 12.12
N GLY A 178 7.23 2.30 11.06
CA GLY A 178 6.87 3.69 10.87
C GLY A 178 5.59 4.05 11.60
N ALA A 179 5.60 3.89 12.92
CA ALA A 179 4.39 4.01 13.72
C ALA A 179 3.81 5.42 13.82
N LYS A 180 4.59 6.44 13.49
CA LYS A 180 4.09 7.81 13.55
C LYS A 180 3.03 8.05 12.48
N ASP A 181 3.11 7.28 11.40
CA ASP A 181 2.12 7.37 10.32
C ASP A 181 0.92 6.46 10.58
N ALA A 182 0.94 5.79 11.73
CA ALA A 182 -0.16 4.93 12.19
C ALA A 182 -0.35 3.64 11.39
N TRP A 183 -0.63 3.76 10.09
CA TRP A 183 -0.86 2.58 9.25
C TRP A 183 0.27 1.53 9.15
N PRO A 184 1.56 1.95 9.17
CA PRO A 184 2.57 0.90 9.08
C PRO A 184 2.57 -0.04 10.30
N ALA A 185 2.22 0.49 11.45
CA ALA A 185 2.09 -0.32 12.66
C ALA A 185 0.85 -1.20 12.55
N ALA A 186 -0.22 -0.61 12.01
CA ALA A 186 -1.49 -1.31 11.87
C ALA A 186 -1.40 -2.49 10.93
N HIS A 187 -0.46 -2.44 9.99
CA HIS A 187 -0.28 -3.52 9.01
C HIS A 187 0.00 -4.87 9.67
N TRP A 188 0.63 -4.82 10.83
CA TRP A 188 0.86 -6.05 11.59
C TRP A 188 -0.47 -6.59 12.12
N TYR A 189 -1.37 -5.69 12.49
CA TYR A 189 -2.69 -6.08 12.95
C TYR A 189 -3.53 -6.62 11.80
N TYR A 190 -3.43 -5.98 10.63
CA TYR A 190 -4.18 -6.42 9.45
C TYR A 190 -3.84 -7.87 9.13
N TRP A 191 -2.54 -8.13 8.99
CA TRP A 191 -2.06 -9.44 8.61
C TRP A 191 -2.41 -10.50 9.65
N LEU A 192 -2.34 -10.12 10.92
CA LEU A 192 -2.70 -11.05 11.99
C LEU A 192 -4.18 -11.39 11.97
N VAL A 193 -5.03 -10.41 11.67
CA VAL A 193 -6.46 -10.66 11.55
C VAL A 193 -6.74 -11.57 10.36
N LEU A 194 -6.08 -11.29 9.23
CA LEU A 194 -6.22 -12.10 8.03
C LEU A 194 -5.80 -13.55 8.28
N ARG A 195 -4.81 -13.73 9.13
CA ARG A 195 -4.31 -15.06 9.47
C ARG A 195 -5.15 -15.76 10.53
N GLU A 196 -5.68 -15.00 11.48
CA GLU A 196 -6.48 -15.58 12.56
C GLU A 196 -7.91 -15.87 12.13
N CYS A 197 -8.60 -14.86 11.62
CA CYS A 197 -10.02 -15.01 11.25
C CYS A 197 -10.25 -15.85 10.01
N SER A 198 -11.34 -16.62 10.02
CA SER A 198 -11.72 -17.43 8.88
C SER A 198 -12.13 -16.49 7.74
N PRO A 199 -12.00 -16.95 6.49
CA PRO A 199 -12.32 -16.15 5.30
C PRO A 199 -13.72 -15.53 5.35
N GLU A 200 -14.68 -16.22 5.94
CA GLU A 200 -16.04 -15.71 6.03
C GLU A 200 -16.19 -14.66 7.13
N VAL A 201 -15.64 -14.95 8.30
CA VAL A 201 -15.64 -14.00 9.41
C VAL A 201 -15.00 -12.71 8.95
N TYR A 202 -13.93 -12.85 8.17
CA TYR A 202 -13.23 -11.70 7.63
C TYR A 202 -14.10 -10.93 6.64
N ASP A 203 -14.70 -11.64 5.69
CA ASP A 203 -15.50 -11.01 4.64
C ASP A 203 -16.68 -10.24 5.23
N LYS A 204 -17.49 -10.92 6.02
CA LYS A 204 -18.67 -10.32 6.64
C LYS A 204 -18.29 -9.14 7.53
N SER A 205 -17.12 -9.26 8.18
CA SER A 205 -16.63 -8.17 9.02
C SER A 205 -16.31 -6.92 8.22
N VAL A 206 -15.81 -7.11 7.01
CA VAL A 206 -15.52 -5.98 6.12
C VAL A 206 -16.81 -5.45 5.51
N GLN A 207 -17.66 -6.36 5.05
CA GLN A 207 -18.90 -5.97 4.38
C GLN A 207 -19.94 -5.37 5.33
N ASP A 208 -20.04 -5.92 6.54
CA ASP A 208 -21.07 -5.50 7.48
C ASP A 208 -20.52 -4.64 8.62
N HIS A 209 -19.21 -4.42 8.64
CA HIS A 209 -18.56 -3.68 9.72
C HIS A 209 -18.87 -4.30 11.09
N ASP A 210 -18.77 -5.63 11.14
CA ASP A 210 -18.99 -6.39 12.36
C ASP A 210 -17.66 -6.93 12.88
N PHE A 211 -17.24 -6.47 14.06
CA PHE A 211 -15.98 -6.90 14.62
C PHE A 211 -16.19 -7.55 15.99
N SER A 212 -17.20 -8.41 16.07
CA SER A 212 -17.58 -9.03 17.33
C SER A 212 -16.85 -10.35 17.58
N ASN A 213 -16.32 -10.95 16.52
CA ASN A 213 -15.66 -12.24 16.63
C ASN A 213 -14.35 -12.13 17.41
N ALA A 214 -14.00 -13.21 18.13
CA ALA A 214 -12.79 -13.25 18.93
C ALA A 214 -11.52 -13.14 18.08
N CYS A 215 -11.69 -13.29 16.76
CA CYS A 215 -10.61 -13.10 15.80
C CYS A 215 -9.84 -11.81 16.09
N TRP A 216 -10.60 -10.74 16.24
CA TRP A 216 -10.05 -9.39 16.30
C TRP A 216 -9.28 -9.09 17.58
N VAL A 217 -9.70 -9.67 18.70
CA VAL A 217 -8.98 -9.50 19.95
C VAL A 217 -7.71 -10.38 19.95
N ASN A 218 -7.86 -11.62 19.51
CA ASN A 218 -6.75 -12.55 19.42
C ASN A 218 -5.59 -12.00 18.59
N ALA A 219 -5.91 -11.36 17.48
CA ALA A 219 -4.91 -10.77 16.61
C ALA A 219 -4.20 -9.61 17.32
N GLY A 220 -4.95 -8.87 18.12
CA GLY A 220 -4.39 -7.79 18.92
C GLY A 220 -3.49 -8.36 20.00
N LYS A 221 -3.88 -9.49 20.55
CA LYS A 221 -3.10 -10.15 21.59
C LYS A 221 -1.78 -10.70 21.06
N LYS A 222 -1.83 -11.28 19.86
CA LYS A 222 -0.64 -11.81 19.20
C LYS A 222 0.35 -10.68 18.89
N LEU A 223 -0.20 -9.51 18.56
CA LEU A 223 0.62 -8.36 18.23
C LEU A 223 1.22 -7.74 19.50
N GLN A 224 0.50 -7.87 20.61
CA GLN A 224 0.98 -7.36 21.88
C GLN A 224 2.23 -8.11 22.32
N GLU A 225 2.27 -9.39 21.99
CA GLU A 225 3.40 -10.25 22.30
C GLU A 225 4.67 -9.79 21.57
N LEU A 226 4.49 -9.36 20.32
CA LEU A 226 5.59 -8.82 19.53
C LEU A 226 6.11 -7.55 20.18
N LYS A 227 5.19 -6.71 20.62
CA LYS A 227 5.52 -5.45 21.28
C LYS A 227 6.35 -5.67 22.55
N ASP A 228 5.96 -6.67 23.32
CA ASP A 228 6.61 -6.93 24.61
C ASP A 228 8.02 -7.50 24.46
N LEU A 229 8.35 -7.98 23.27
CA LEU A 229 9.71 -8.44 22.99
C LEU A 229 10.64 -7.26 22.79
N LYS A 230 10.05 -6.09 22.51
CA LYS A 230 10.79 -4.86 22.26
C LYS A 230 11.87 -5.06 21.20
N VAL A 231 11.43 -5.42 20.00
CA VAL A 231 12.35 -5.67 18.89
C VAL A 231 12.16 -4.66 17.77
N PHE A 232 11.52 -3.54 18.09
CA PHE A 232 11.34 -2.45 17.15
C PHE A 232 12.51 -1.49 17.24
N ASN A 233 12.65 -0.61 16.25
CA ASN A 233 13.61 0.47 16.35
C ASN A 233 13.16 1.43 17.45
N ASP A 234 14.12 1.99 18.17
CA ASP A 234 13.83 2.74 19.40
C ASP A 234 12.84 3.90 19.24
N GLY A 235 12.95 4.63 18.15
CA GLY A 235 12.08 5.78 17.93
C GLY A 235 10.92 5.49 16.99
N PHE A 236 10.41 4.26 17.03
CA PHE A 236 9.37 3.84 16.10
C PHE A 236 8.10 4.68 16.23
N LEU A 237 7.80 5.15 17.44
CA LEU A 237 6.63 6.00 17.66
C LEU A 237 6.74 7.35 16.97
N THR A 238 7.97 7.82 16.76
CA THR A 238 8.19 9.08 16.05
C THR A 238 8.76 8.86 14.65
N THR A 239 8.78 7.61 14.21
CA THR A 239 9.28 7.27 12.89
C THR A 239 8.17 7.22 11.85
N THR A 240 8.39 7.88 10.72
CA THR A 240 7.48 7.80 9.59
C THR A 240 7.88 6.62 8.71
N ALA A 241 7.01 6.29 7.76
CA ALA A 241 7.26 5.14 6.89
C ALA A 241 8.28 5.44 5.79
N GLN A 242 8.18 6.60 5.15
CA GLN A 242 8.91 6.84 3.91
C GLN A 242 9.67 8.17 3.84
N GLN A 243 9.61 8.98 4.89
CA GLN A 243 10.25 10.28 4.85
C GLN A 243 11.62 10.31 5.52
N GLY A 244 12.67 10.33 4.71
CA GLY A 244 14.02 10.49 5.22
C GLY A 244 14.78 9.19 5.43
N ALA A 245 16.08 9.32 5.70
CA ALA A 245 16.94 8.17 5.93
C ALA A 245 16.60 7.45 7.23
N ASN A 246 15.95 8.16 8.14
CA ASN A 246 15.57 7.58 9.43
C ASN A 246 14.12 7.07 9.46
N SER A 247 13.44 7.13 8.32
CA SER A 247 12.13 6.50 8.21
C SER A 247 12.33 5.01 8.30
N SER A 248 11.25 4.27 8.55
CA SER A 248 11.33 2.82 8.71
C SER A 248 11.91 2.18 7.46
N ALA A 249 11.51 2.68 6.30
CA ALA A 249 12.08 2.23 5.03
C ALA A 249 13.55 2.59 4.96
N GLY A 250 13.87 3.82 5.35
CA GLY A 250 15.25 4.29 5.31
C GLY A 250 16.17 3.49 6.21
N LEU A 251 15.64 3.02 7.34
CA LEU A 251 16.41 2.20 8.26
C LEU A 251 16.80 0.88 7.62
N LEU A 252 15.85 0.29 6.88
CA LEU A 252 16.10 -0.96 6.18
C LEU A 252 17.11 -0.76 5.05
N ALA A 253 16.95 0.33 4.32
CA ALA A 253 17.82 0.65 3.19
C ALA A 253 19.27 0.84 3.63
N ASN A 254 19.46 1.47 4.78
CA ASN A 254 20.80 1.73 5.31
C ASN A 254 21.26 0.66 6.30
N HIS A 255 20.55 -0.46 6.33
CA HIS A 255 20.90 -1.60 7.18
C HIS A 255 20.99 -1.23 8.67
N LYS A 256 20.07 -0.41 9.12
CA LYS A 256 19.98 -0.05 10.54
C LYS A 256 18.89 -0.89 11.19
N ALA A 257 18.17 -1.64 10.36
CA ALA A 257 17.10 -2.51 10.82
C ALA A 257 16.97 -3.69 9.87
N ALA A 258 16.54 -4.83 10.40
CA ALA A 258 16.56 -6.08 9.64
C ALA A 258 15.40 -6.24 8.66
N MET A 259 14.22 -5.74 9.02
CA MET A 259 13.04 -5.92 8.18
C MET A 259 11.93 -4.92 8.46
N GLU A 260 10.95 -4.87 7.58
CA GLU A 260 9.69 -4.20 7.86
C GLU A 260 8.55 -4.78 7.02
N LEU A 261 7.33 -4.64 7.53
CA LEU A 261 6.13 -5.16 6.88
C LEU A 261 5.50 -4.07 6.03
N MET A 262 5.55 -4.24 4.71
CA MET A 262 5.21 -3.15 3.80
C MET A 262 4.64 -3.65 2.47
N GLY A 263 4.02 -2.74 1.71
CA GLY A 263 3.53 -3.05 0.38
C GLY A 263 4.67 -3.10 -0.64
N ALA A 264 4.37 -3.62 -1.83
CA ALA A 264 5.39 -3.85 -2.85
C ALA A 264 5.88 -2.59 -3.55
N TRP A 265 5.58 -1.42 -2.99
CA TRP A 265 6.18 -0.17 -3.44
C TRP A 265 7.55 -0.04 -2.80
N GLU A 266 7.84 -0.97 -1.90
CA GLU A 266 9.03 -0.95 -1.06
C GLU A 266 10.38 -0.77 -1.79
N PRO A 267 10.68 -1.62 -2.80
CA PRO A 267 11.99 -1.50 -3.44
C PRO A 267 12.26 -0.12 -4.05
N GLY A 268 11.21 0.52 -4.58
CA GLY A 268 11.35 1.84 -5.17
C GLY A 268 11.59 2.90 -4.13
N VAL A 269 10.96 2.73 -2.97
CA VAL A 269 11.16 3.65 -1.84
C VAL A 269 12.56 3.47 -1.27
N LEU A 270 13.01 2.22 -1.22
CA LEU A 270 14.32 1.91 -0.67
C LEU A 270 15.45 2.48 -1.54
N LYS A 271 15.30 2.35 -2.85
CA LYS A 271 16.33 2.80 -3.78
C LYS A 271 16.42 4.33 -3.82
N ASP A 272 15.51 4.99 -3.12
CA ASP A 272 15.52 6.44 -3.02
C ASP A 272 16.23 6.88 -1.73
N LEU A 273 16.35 5.95 -0.79
CA LEU A 273 16.86 6.28 0.54
C LEU A 273 18.24 5.69 0.83
N THR A 274 18.81 4.96 -0.12
CA THR A 274 20.16 4.43 0.02
C THR A 274 21.16 5.57 -0.17
N PRO A 275 22.38 5.44 0.41
CA PRO A 275 23.36 6.53 0.34
C PRO A 275 23.77 6.89 -1.08
N ASP A 276 23.61 5.97 -2.02
CA ASP A 276 23.90 6.25 -3.42
C ASP A 276 22.62 6.38 -4.24
N GLN A 277 21.49 6.28 -3.56
CA GLN A 277 20.18 6.27 -4.22
C GLN A 277 20.09 5.20 -5.29
N LYS A 278 20.68 4.04 -5.01
CA LYS A 278 20.65 2.90 -5.90
C LYS A 278 19.90 1.76 -5.18
N PRO A 279 19.42 0.76 -5.95
CA PRO A 279 18.64 -0.32 -5.34
C PRO A 279 19.37 -1.06 -4.21
N MET A 280 18.66 -1.33 -3.12
CA MET A 280 19.23 -2.06 -1.98
C MET A 280 19.79 -3.41 -2.41
N ALA A 281 21.08 -3.61 -2.17
CA ALA A 281 21.81 -4.74 -2.73
C ALA A 281 21.35 -6.12 -2.26
N ASP A 282 20.92 -6.22 -1.00
CA ASP A 282 20.59 -7.52 -0.42
C ASP A 282 19.12 -7.65 -0.01
N LEU A 283 18.25 -6.93 -0.70
CA LEU A 283 16.82 -6.97 -0.39
C LEU A 283 16.18 -8.30 -0.76
N GLY A 284 15.51 -8.91 0.22
CA GLY A 284 14.78 -10.14 0.00
C GLY A 284 13.32 -9.97 0.39
N PHE A 285 12.48 -10.92 -0.01
CA PHE A 285 11.07 -10.88 0.32
C PHE A 285 10.58 -12.23 0.84
N PHE A 286 9.74 -12.18 1.87
CA PHE A 286 8.98 -13.36 2.27
C PHE A 286 7.58 -13.00 2.75
N ALA A 287 6.61 -13.81 2.36
CA ALA A 287 5.21 -13.59 2.70
C ALA A 287 5.02 -13.58 4.21
N PHE A 288 4.02 -12.85 4.68
CA PHE A 288 3.69 -12.84 6.11
C PHE A 288 3.42 -14.26 6.55
N PRO A 289 4.02 -14.66 7.68
CA PRO A 289 3.98 -16.06 8.13
C PRO A 289 2.58 -16.54 8.48
N GLU A 290 2.37 -17.84 8.40
CA GLU A 290 1.13 -18.46 8.81
C GLU A 290 1.06 -18.42 10.33
N VAL A 291 -0.15 -18.45 10.87
CA VAL A 291 -0.33 -18.43 12.32
C VAL A 291 -0.97 -19.72 12.82
N ALA A 292 -0.26 -20.40 13.71
CA ALA A 292 -0.77 -21.63 14.31
C ALA A 292 -2.05 -21.34 15.10
N GLY A 293 -3.09 -22.14 14.83
CA GLY A 293 -4.37 -21.96 15.49
C GLY A 293 -5.22 -20.89 14.85
N GLY A 294 -4.81 -20.45 13.66
CA GLY A 294 -5.55 -19.44 12.92
C GLY A 294 -6.47 -20.04 11.87
N GLU A 295 -7.66 -19.46 11.72
CA GLU A 295 -8.63 -19.98 10.78
C GLU A 295 -8.48 -19.33 9.41
N GLY A 296 -7.48 -18.48 9.27
CA GLY A 296 -7.24 -17.78 8.01
C GLY A 296 -6.86 -18.72 6.89
N GLU A 297 -7.25 -18.37 5.67
CA GLU A 297 -6.88 -19.15 4.50
C GLU A 297 -5.38 -19.04 4.25
N PRO A 298 -4.71 -20.18 4.08
CA PRO A 298 -3.25 -20.21 3.87
C PRO A 298 -2.85 -19.56 2.54
N GLY A 299 -1.92 -18.61 2.60
CA GLY A 299 -1.43 -17.96 1.41
C GLY A 299 -2.27 -16.78 0.98
N ALA A 300 -3.22 -16.40 1.83
CA ALA A 300 -4.10 -15.27 1.53
C ALA A 300 -3.28 -13.98 1.43
N LEU A 301 -3.41 -13.29 0.31
CA LEU A 301 -2.70 -12.04 0.09
C LEU A 301 -3.49 -10.83 0.55
N MET A 302 -2.76 -9.83 1.02
CA MET A 302 -3.32 -8.49 1.21
C MET A 302 -2.36 -7.51 0.55
N GLY A 303 -2.91 -6.50 -0.12
CA GLY A 303 -2.08 -5.53 -0.78
C GLY A 303 -2.84 -4.32 -1.25
N GLY A 304 -2.23 -3.57 -2.16
CA GLY A 304 -2.85 -2.38 -2.71
C GLY A 304 -2.90 -2.43 -4.23
N VAL A 305 -3.76 -1.59 -4.79
CA VAL A 305 -3.81 -1.39 -6.22
C VAL A 305 -3.93 0.11 -6.46
N THR A 306 -2.89 0.70 -7.03
CA THR A 306 -2.89 2.14 -7.30
C THR A 306 -3.49 2.45 -8.66
N TYR A 307 -4.59 3.20 -8.64
CA TYR A 307 -5.21 3.66 -9.87
C TYR A 307 -5.49 5.16 -9.83
N PHE A 308 -5.84 5.72 -10.97
CA PHE A 308 -6.08 7.16 -11.06
C PHE A 308 -7.50 7.49 -11.51
N CYS A 309 -8.11 8.42 -10.79
CA CYS A 309 -9.50 8.79 -11.04
C CYS A 309 -9.59 10.12 -11.76
N VAL A 310 -10.76 10.36 -12.36
CA VAL A 310 -10.99 11.59 -13.10
C VAL A 310 -12.09 12.40 -12.42
N ASN A 311 -11.86 13.70 -12.28
CA ASN A 311 -12.87 14.62 -11.78
C ASN A 311 -14.10 14.53 -12.67
N PRO A 312 -15.29 14.41 -12.05
CA PRO A 312 -16.54 14.36 -12.83
C PRO A 312 -16.73 15.59 -13.70
N LYS A 313 -16.05 16.69 -13.35
CA LYS A 313 -16.16 17.93 -14.09
C LYS A 313 -15.00 18.14 -15.06
N ALA A 314 -14.18 17.10 -15.21
CA ALA A 314 -13.02 17.19 -16.09
C ALA A 314 -13.38 16.98 -17.56
N SER A 315 -12.43 17.29 -18.45
CA SER A 315 -12.68 17.19 -19.88
C SER A 315 -12.14 15.88 -20.46
N GLN A 316 -12.26 15.73 -21.78
CA GLN A 316 -11.77 14.55 -22.47
C GLN A 316 -10.25 14.44 -22.38
N THR A 317 -9.59 15.58 -22.22
CA THR A 317 -8.13 15.63 -22.11
C THR A 317 -7.63 14.81 -20.92
N SER A 318 -8.37 14.86 -19.82
CA SER A 318 -8.04 14.07 -18.64
C SER A 318 -8.16 12.58 -18.96
N ILE A 319 -9.23 12.23 -19.67
CA ILE A 319 -9.49 10.84 -20.03
C ILE A 319 -8.38 10.28 -20.92
N ASP A 320 -7.93 11.09 -21.87
CA ASP A 320 -6.83 10.71 -22.74
C ASP A 320 -5.55 10.49 -21.94
N PHE A 321 -5.46 11.15 -20.80
CA PHE A 321 -4.25 11.11 -19.97
C PHE A 321 -4.15 9.87 -19.10
N VAL A 322 -5.26 9.46 -18.49
CA VAL A 322 -5.27 8.25 -17.67
C VAL A 322 -5.15 6.99 -18.52
N ASN A 323 -5.72 7.02 -19.71
CA ASN A 323 -5.55 5.93 -20.67
C ASN A 323 -4.12 5.89 -21.18
N TYR A 324 -3.49 7.05 -21.25
CA TYR A 324 -2.09 7.17 -21.66
C TYR A 324 -1.18 6.46 -20.67
N MET A 325 -1.58 6.46 -19.40
CA MET A 325 -0.83 5.74 -18.36
C MET A 325 -0.86 4.24 -18.63
N GLY A 326 -2.00 3.76 -19.11
CA GLY A 326 -2.20 2.33 -19.33
C GLY A 326 -1.42 1.77 -20.50
N GLU A 327 -0.81 2.66 -21.28
CA GLU A 327 0.00 2.24 -22.41
C GLU A 327 1.17 1.38 -21.92
N LYS A 328 1.45 0.31 -22.64
CA LYS A 328 2.44 -0.69 -22.22
C LYS A 328 3.83 -0.09 -22.03
N LYS A 329 4.21 0.81 -22.93
CA LYS A 329 5.51 1.47 -22.83
C LYS A 329 5.58 2.31 -21.56
N ASN A 330 4.53 3.06 -21.30
CA ASN A 330 4.46 3.92 -20.12
C ASN A 330 4.41 3.12 -18.83
N GLN A 331 3.72 1.99 -18.88
CA GLN A 331 3.62 1.10 -17.73
C GLN A 331 4.96 0.48 -17.38
N GLU A 332 5.76 0.23 -18.41
CA GLU A 332 7.08 -0.37 -18.21
C GLU A 332 8.06 0.65 -17.63
N ASP A 333 8.04 1.86 -18.16
CA ASP A 333 8.83 2.95 -17.60
C ASP A 333 8.40 3.20 -16.16
N TYR A 334 7.12 2.96 -15.88
CA TYR A 334 6.59 3.08 -14.53
C TYR A 334 7.22 2.01 -13.64
N ALA A 335 7.27 0.79 -14.14
CA ALA A 335 7.83 -0.33 -13.39
C ALA A 335 9.31 -0.10 -13.10
N LYS A 336 10.02 0.49 -14.06
CA LYS A 336 11.45 0.77 -13.89
C LYS A 336 11.68 1.93 -12.93
N ALA A 337 10.91 3.00 -13.08
CA ALA A 337 11.08 4.20 -12.26
C ALA A 337 10.70 3.98 -10.80
N PHE A 338 9.66 3.17 -10.58
CA PHE A 338 9.14 2.96 -9.23
C PHE A 338 9.61 1.66 -8.61
N SER A 339 10.33 0.84 -9.39
CA SER A 339 10.76 -0.49 -8.95
C SER A 339 9.60 -1.25 -8.33
N THR A 340 8.49 -1.33 -9.08
CA THR A 340 7.28 -1.96 -8.59
C THR A 340 6.70 -2.90 -9.64
N ILE A 341 5.57 -3.51 -9.32
CA ILE A 341 4.89 -4.39 -10.26
C ILE A 341 3.82 -3.61 -11.00
N PRO A 342 3.99 -3.46 -12.33
CA PRO A 342 3.03 -2.68 -13.11
C PRO A 342 1.69 -3.38 -13.21
N ALA A 343 0.61 -2.60 -13.30
CA ALA A 343 -0.74 -3.16 -13.41
C ALA A 343 -0.92 -3.91 -14.72
N SER A 344 -0.29 -3.40 -15.77
CA SER A 344 -0.33 -4.04 -17.08
C SER A 344 0.44 -5.36 -17.06
N GLU A 345 -0.25 -6.44 -17.39
CA GLU A 345 0.36 -7.77 -17.43
C GLU A 345 1.54 -7.90 -18.39
N PRO A 346 1.41 -7.41 -19.65
CA PRO A 346 2.57 -7.50 -20.54
C PRO A 346 3.75 -6.68 -20.03
N ALA A 347 3.47 -5.60 -19.33
CA ALA A 347 4.50 -4.70 -18.83
C ALA A 347 5.35 -5.35 -17.74
N ARG A 348 4.82 -6.40 -17.12
CA ARG A 348 5.51 -7.10 -16.04
C ARG A 348 6.73 -7.87 -16.55
N ALA A 349 6.88 -7.92 -17.86
CA ALA A 349 8.00 -8.62 -18.48
C ALA A 349 9.35 -7.96 -18.21
N VAL A 350 9.32 -6.67 -17.87
CA VAL A 350 10.56 -5.92 -17.65
C VAL A 350 11.02 -5.93 -16.20
N VAL A 351 10.18 -6.46 -15.31
CA VAL A 351 10.54 -6.55 -13.90
C VAL A 351 11.74 -7.46 -13.70
N THR A 352 12.80 -6.92 -13.10
CA THR A 352 14.03 -7.67 -12.93
C THR A 352 14.41 -7.89 -11.46
N ASP A 353 13.86 -7.06 -10.58
CA ASP A 353 14.13 -7.20 -9.15
C ASP A 353 13.69 -8.58 -8.66
N GLU A 354 14.66 -9.36 -8.17
CA GLU A 354 14.43 -10.74 -7.79
C GLU A 354 13.33 -10.89 -6.75
N SER A 355 13.31 -9.98 -5.78
CA SER A 355 12.29 -10.02 -4.74
C SER A 355 10.90 -9.73 -5.33
N LEU A 356 10.86 -8.87 -6.35
CA LEU A 356 9.59 -8.55 -7.00
C LEU A 356 9.07 -9.69 -7.88
N LYS A 357 9.98 -10.39 -8.54
CA LYS A 357 9.59 -11.52 -9.38
C LYS A 357 9.05 -12.66 -8.53
N GLN A 358 9.48 -12.70 -7.27
CA GLN A 358 8.87 -13.61 -6.31
C GLN A 358 7.43 -13.19 -6.11
N VAL A 359 7.22 -11.93 -5.74
CA VAL A 359 5.88 -11.42 -5.46
C VAL A 359 4.93 -11.61 -6.66
N ILE A 360 5.44 -11.43 -7.87
CA ILE A 360 4.64 -11.67 -9.07
C ILE A 360 4.28 -13.14 -9.19
N GLU A 361 5.23 -14.01 -8.86
CA GLU A 361 5.01 -15.45 -8.86
C GLU A 361 3.95 -15.84 -7.83
N TYR A 362 4.04 -15.27 -6.63
CA TYR A 362 3.12 -15.59 -5.55
C TYR A 362 1.76 -14.92 -5.85
N LEU A 363 1.79 -13.88 -6.67
CA LEU A 363 0.58 -13.16 -7.03
C LEU A 363 -0.29 -13.99 -7.96
N ASP A 364 0.34 -14.64 -8.92
CA ASP A 364 -0.38 -15.43 -9.92
C ASP A 364 -0.96 -16.73 -9.37
N LYS A 365 -0.38 -17.23 -8.29
CA LYS A 365 -0.83 -18.50 -7.72
C LYS A 365 -1.44 -18.36 -6.32
N ALA A 366 -1.88 -17.15 -5.99
CA ALA A 366 -2.58 -16.91 -4.72
C ALA A 366 -4.09 -16.98 -4.95
N PRO A 367 -4.83 -17.52 -3.97
CA PRO A 367 -6.29 -17.61 -4.11
C PRO A 367 -6.95 -16.23 -4.13
N SER A 368 -6.73 -15.45 -3.08
CA SER A 368 -7.33 -14.13 -2.97
C SER A 368 -6.27 -13.06 -2.79
N MET A 369 -6.64 -11.83 -3.10
CA MET A 369 -5.90 -10.68 -2.61
C MET A 369 -6.87 -9.66 -2.06
N GLN A 370 -6.81 -9.46 -0.75
CA GLN A 370 -7.61 -8.42 -0.11
C GLN A 370 -6.89 -7.09 -0.30
N LEU A 371 -7.65 -6.00 -0.24
CA LEU A 371 -7.04 -4.69 -0.20
C LEU A 371 -6.58 -4.43 1.22
N TRP A 372 -5.89 -3.31 1.44
CA TRP A 372 -5.49 -2.95 2.80
C TRP A 372 -6.72 -2.81 3.68
N MET A 373 -6.61 -3.24 4.93
CA MET A 373 -7.76 -3.29 5.82
C MET A 373 -8.38 -1.91 6.06
N ASP A 374 -7.56 -0.90 6.28
CA ASP A 374 -8.07 0.44 6.54
C ASP A 374 -8.76 1.04 5.31
N THR A 375 -8.21 0.81 4.13
CA THR A 375 -8.81 1.32 2.90
C THR A 375 -10.05 0.51 2.52
N ALA A 376 -10.17 -0.69 3.07
CA ALA A 376 -11.31 -1.55 2.79
C ALA A 376 -12.48 -1.26 3.73
N LEU A 377 -12.16 -0.71 4.91
CA LEU A 377 -13.19 -0.40 5.90
C LEU A 377 -13.62 1.06 5.82
N GLY A 378 -12.80 1.89 5.20
CA GLY A 378 -13.13 3.29 5.00
C GLY A 378 -12.33 4.25 5.86
N THR A 379 -12.62 5.54 5.70
CA THR A 379 -11.88 6.59 6.39
C THR A 379 -12.11 6.60 7.90
N ASN A 380 -13.37 6.57 8.32
CA ASN A 380 -13.71 6.60 9.74
C ASN A 380 -13.12 5.42 10.51
N ILE A 381 -13.45 4.20 10.08
CA ILE A 381 -12.98 3.00 10.74
C ILE A 381 -11.46 2.85 10.61
N GLY A 382 -10.95 3.13 9.42
CA GLY A 382 -9.54 2.99 9.13
C GLY A 382 -8.65 3.83 10.03
N ASN A 383 -8.96 5.12 10.14
CA ASN A 383 -8.19 6.03 10.99
C ASN A 383 -8.32 5.69 12.47
N ALA A 384 -9.50 5.25 12.87
CA ALA A 384 -9.73 4.82 14.24
C ALA A 384 -8.88 3.60 14.57
N LEU A 385 -8.92 2.62 13.67
CA LEU A 385 -8.15 1.39 13.82
C LEU A 385 -6.65 1.67 13.90
N ASN A 386 -6.14 2.44 12.94
CA ASN A 386 -4.72 2.76 12.88
C ASN A 386 -4.22 3.48 14.13
N ALA A 387 -5.03 4.41 14.62
CA ALA A 387 -4.70 5.15 15.83
C ALA A 387 -4.72 4.21 17.05
N ALA A 388 -5.74 3.35 17.11
CA ALA A 388 -5.92 2.43 18.22
C ALA A 388 -4.76 1.46 18.37
N VAL A 389 -4.21 1.03 17.23
CA VAL A 389 -3.06 0.14 17.24
C VAL A 389 -1.84 0.85 17.84
N VAL A 390 -1.64 2.09 17.44
CA VAL A 390 -0.54 2.90 17.96
C VAL A 390 -0.72 3.14 19.46
N ASN A 391 -1.96 3.34 19.89
CA ASN A 391 -2.26 3.51 21.30
C ASN A 391 -1.86 2.27 22.10
N MET A 392 -2.16 1.09 21.57
CA MET A 392 -1.82 -0.16 22.23
C MET A 392 -0.32 -0.37 22.25
N LEU A 393 0.35 0.04 21.18
CA LEU A 393 1.80 -0.10 21.08
C LEU A 393 2.55 0.89 21.96
N SER A 394 1.89 1.98 22.31
CA SER A 394 2.50 2.98 23.18
C SER A 394 2.23 2.65 24.64
N GLY A 395 1.53 1.54 24.87
CA GLY A 395 1.19 1.12 26.22
C GLY A 395 -0.05 1.80 26.74
N GLN A 396 -0.61 2.70 25.95
CA GLN A 396 -1.80 3.44 26.34
C GLN A 396 -3.05 2.83 25.70
N GLY A 397 -3.05 1.52 25.51
CA GLY A 397 -4.17 0.83 24.91
C GLY A 397 -4.06 -0.68 25.03
N SER A 398 -5.15 -1.37 24.73
CA SER A 398 -5.21 -2.82 24.83
C SER A 398 -5.76 -3.39 23.52
N PRO A 399 -5.64 -4.71 23.31
CA PRO A 399 -6.25 -5.33 22.13
C PRO A 399 -7.76 -5.08 22.07
N GLU A 400 -8.39 -5.00 23.24
CA GLU A 400 -9.83 -4.77 23.31
C GLU A 400 -10.19 -3.35 22.90
N ASP A 401 -9.32 -2.40 23.21
CA ASP A 401 -9.54 -1.00 22.84
C ASP A 401 -9.49 -0.80 21.34
N ILE A 402 -8.70 -1.64 20.67
CA ILE A 402 -8.59 -1.59 19.22
C ILE A 402 -9.94 -1.92 18.57
N VAL A 403 -10.52 -3.04 18.99
CA VAL A 403 -11.83 -3.45 18.50
C VAL A 403 -12.90 -2.44 18.88
N LYS A 404 -12.82 -1.92 20.10
CA LYS A 404 -13.76 -0.89 20.56
C LYS A 404 -13.68 0.37 19.71
N ALA A 405 -12.47 0.69 19.25
CA ALA A 405 -12.26 1.88 18.42
C ALA A 405 -12.87 1.68 17.04
N MET A 406 -12.76 0.47 16.50
CA MET A 406 -13.33 0.16 15.19
C MET A 406 -14.85 0.24 15.24
N GLN A 407 -15.43 -0.35 16.27
CA GLN A 407 -16.88 -0.36 16.44
C GLN A 407 -17.43 1.04 16.65
N ASP A 408 -16.69 1.87 17.37
CA ASP A 408 -17.11 3.24 17.64
C ASP A 408 -17.22 4.04 16.35
N ALA A 409 -16.16 4.00 15.55
CA ALA A 409 -16.13 4.73 14.28
C ALA A 409 -17.14 4.19 13.29
N ALA A 410 -17.42 2.88 13.37
CA ALA A 410 -18.32 2.22 12.44
C ALA A 410 -19.76 2.71 12.57
N GLN A 411 -20.07 3.37 13.69
CA GLN A 411 -21.40 3.93 13.91
C GLN A 411 -21.71 5.03 12.90
N LYS A 412 -20.67 5.76 12.50
CA LYS A 412 -20.82 6.82 11.52
C LYS A 412 -21.03 6.24 10.12
N GLY A 413 -20.35 5.12 9.85
CA GLY A 413 -20.42 4.48 8.56
C GLY A 413 -19.04 4.40 7.90
#